data_3DIV
#
_entry.id   3DIV
#
_cell.length_a   52.581
_cell.length_b   77.101
_cell.length_c   130.884
_cell.angle_alpha   90.00
_cell.angle_beta   90.00
_cell.angle_gamma   90.00
#
_symmetry.space_group_name_H-M   'P 21 21 21'
#
loop_
_entity.id
_entity.type
_entity.pdbx_description
1 polymer LACCASE
2 branched 2-acetamido-2-deoxy-beta-D-glucopyranose-(1-4)-2-acetamido-2-deoxy-beta-D-glucopyranose
3 branched beta-D-mannopyranose-(1-4)-2-acetamido-2-deoxy-beta-D-glucopyranose-(1-4)-2-acetamido-2-deoxy-beta-D-glucopyranose
4 branched alpha-D-mannopyranose-(1-3)-alpha-D-mannopyranose
5 non-polymer alpha-D-mannopyranose
6 non-polymer 'COPPER (II) ION'
7 non-polymer 2-acetamido-2-deoxy-beta-D-glucopyranose
8 water water
#
_entity_poly.entity_id   1
_entity_poly.type   'polypeptide(L)'
_entity_poly.pdbx_seq_one_letter_code
;AVGPVADNTITDAATSPDGFSRQAVVVNGVTPGPLVAGNIGDRFQLNVIDNLTNHTMLKTTSVHWHGFFQQGTNWADGPA
FINQCPISPGHSFLYDFQVPNQAGTFWYHSHLSTQYCDGLRGPFVVYDPNDPHASRYDVDNDDTVITLADWYHTAAKLGP
RFPAGADATLINGKGRAPSDTSAELSVIKVTKGKR(NIY)RFRLVSLSCDPNFTFSIDGHNLTIIEVDSSNSQPLSVDSI
QIFAAQRYSFVLNANQAVDNYWIRANPNFGNVGFNGGINSAILRYDGAPAVEPTTNQTTSVKPLNEVNLHPLVSTPVPGS
PSSGGVDKAINMAFNFNGSNFFINGASFVPPSVPVLLQILSGAQTAQDLLPSGSV(NIY)VLPSNASIEISFPATAAAPG
APHPFHLHGHTFAVVRSAGSTVYNYSNPIFRDVVSTGTPAAGDNVTIRFLTNNPGPWFLHCHIDFHLEGGFAVVQAEDVP
DVKATNPVPQAWSDLCPTYDANAPSDQ
;
_entity_poly.pdbx_strand_id   A
#
loop_
_chem_comp.id
_chem_comp.type
_chem_comp.name
_chem_comp.formula
BMA D-saccharide, beta linking beta-D-mannopyranose 'C6 H12 O6'
CU non-polymer 'COPPER (II) ION' 'Cu 2'
MAN D-saccharide, alpha linking alpha-D-mannopyranose 'C6 H12 O6'
NAG D-saccharide, beta linking 2-acetamido-2-deoxy-beta-D-glucopyranose 'C8 H15 N O6'
#
# COMPACT_ATOMS: atom_id res chain seq x y z
N ALA A 1 -4.95 11.34 -13.34
CA ALA A 1 -4.20 12.45 -13.98
C ALA A 1 -3.43 11.93 -15.20
N VAL A 2 -2.42 11.09 -14.98
CA VAL A 2 -1.74 10.48 -16.11
C VAL A 2 -2.27 9.08 -16.32
N GLY A 3 -2.08 8.54 -17.53
CA GLY A 3 -2.52 7.20 -17.85
C GLY A 3 -3.92 7.14 -18.43
N PRO A 4 -4.40 5.94 -18.78
CA PRO A 4 -3.85 4.59 -18.58
C PRO A 4 -2.59 4.29 -19.38
N VAL A 5 -2.37 5.03 -20.47
CA VAL A 5 -1.14 4.86 -21.26
C VAL A 5 -0.29 6.11 -21.07
N ALA A 6 0.89 5.94 -20.47
CA ALA A 6 1.73 7.07 -20.09
C ALA A 6 3.18 6.66 -19.87
N ASP A 7 4.08 7.64 -19.96
CA ASP A 7 5.47 7.48 -19.53
C ASP A 7 5.55 7.93 -18.08
N ASN A 8 6.18 7.11 -17.25
CA ASN A 8 6.55 7.49 -15.89
C ASN A 8 8.07 7.61 -15.84
N THR A 9 8.57 8.83 -15.79
CA THR A 9 10.03 9.04 -15.78
C THR A 9 10.60 9.15 -14.38
N ILE A 10 11.54 8.27 -14.06
CA ILE A 10 12.08 8.17 -12.72
C ILE A 10 13.46 8.83 -12.67
N THR A 11 13.64 9.78 -11.76
CA THR A 11 14.89 10.54 -11.63
C THR A 11 15.18 10.80 -10.15
N ASP A 12 16.41 11.17 -9.83
CA ASP A 12 16.72 11.76 -8.53
C ASP A 12 16.68 13.27 -8.64
N ALA A 13 16.12 13.91 -7.61
CA ALA A 13 16.00 15.36 -7.61
C ALA A 13 15.94 15.87 -6.19
N ALA A 14 16.29 17.15 -6.03
CA ALA A 14 16.12 17.85 -4.76
C ALA A 14 14.64 18.19 -4.56
N THR A 15 14.10 17.87 -3.38
CA THR A 15 12.74 18.27 -3.02
C THR A 15 12.75 18.82 -1.60
N SER A 16 11.76 19.63 -1.26
CA SER A 16 11.63 20.13 0.10
C SER A 16 10.17 20.20 0.55
N PRO A 17 9.55 19.02 0.76
CA PRO A 17 8.11 18.96 1.11
C PRO A 17 7.76 19.55 2.48
N ASP A 18 8.78 19.66 3.33
CA ASP A 18 8.67 20.23 4.68
C ASP A 18 9.65 21.39 4.88
N GLY A 19 10.18 21.91 3.78
CA GLY A 19 11.14 23.03 3.82
C GLY A 19 12.60 22.62 3.95
N PHE A 20 12.85 21.35 4.21
CA PHE A 20 14.22 20.82 4.34
C PHE A 20 14.59 20.17 3.00
N SER A 21 15.55 20.76 2.29
CA SER A 21 15.95 20.20 0.99
C SER A 21 16.76 18.91 1.11
N ARG A 22 16.39 17.92 0.32
CA ARG A 22 17.09 16.64 0.28
C ARG A 22 16.84 15.90 -1.02
N GLN A 23 17.85 15.18 -1.50
CA GLN A 23 17.74 14.37 -2.70
C GLN A 23 16.77 13.22 -2.48
N ALA A 24 15.87 13.03 -3.44
CA ALA A 24 14.83 11.99 -3.36
C ALA A 24 14.65 11.34 -4.74
N VAL A 25 13.97 10.21 -4.76
CA VAL A 25 13.54 9.57 -6.00
C VAL A 25 12.17 10.14 -6.35
N VAL A 26 12.03 10.65 -7.57
CA VAL A 26 10.81 11.36 -7.97
C VAL A 26 10.25 10.76 -9.27
N VAL A 27 8.96 10.97 -9.51
CA VAL A 27 8.26 10.40 -10.69
C VAL A 27 7.71 11.58 -11.44
N ASN A 28 8.06 11.68 -12.73
CA ASN A 28 7.76 12.89 -13.48
C ASN A 28 8.04 14.16 -12.66
N GLY A 29 9.23 14.21 -12.05
CA GLY A 29 9.71 15.40 -11.34
C GLY A 29 9.20 15.62 -9.93
N VAL A 30 8.22 14.82 -9.48
CA VAL A 30 7.62 15.04 -8.16
C VAL A 30 7.60 13.83 -7.23
N THR A 31 7.63 14.09 -5.92
CA THR A 31 7.25 13.07 -4.91
C THR A 31 6.24 13.71 -3.94
N PRO A 32 5.13 13.01 -3.62
CA PRO A 32 4.70 11.74 -4.17
C PRO A 32 4.50 11.90 -5.65
N GLY A 33 4.57 10.77 -6.36
CA GLY A 33 4.40 10.79 -7.80
C GLY A 33 3.01 11.24 -8.22
N PRO A 34 2.84 11.52 -9.52
CA PRO A 34 1.55 12.01 -9.95
C PRO A 34 0.44 10.93 -9.86
N LEU A 35 -0.81 11.35 -9.81
CA LEU A 35 -1.90 10.39 -9.84
C LEU A 35 -1.94 9.65 -11.19
N VAL A 36 -1.89 8.34 -11.13
CA VAL A 36 -2.16 7.49 -12.30
C VAL A 36 -3.64 7.09 -12.23
N ALA A 37 -4.35 7.20 -13.35
CA ALA A 37 -5.78 6.85 -13.34
C ALA A 37 -6.27 6.18 -14.62
N GLY A 38 -7.39 5.45 -14.48
CA GLY A 38 -8.09 4.86 -15.61
C GLY A 38 -9.49 4.44 -15.16
N ASN A 39 -10.17 3.69 -16.03
CA ASN A 39 -11.50 3.15 -15.72
C ASN A 39 -11.44 1.63 -15.71
N ILE A 40 -12.39 1.00 -15.03
CA ILE A 40 -12.47 -0.48 -14.98
C ILE A 40 -12.58 -0.97 -16.43
N GLY A 41 -11.85 -2.05 -16.75
CA GLY A 41 -11.80 -2.57 -18.11
C GLY A 41 -10.59 -2.07 -18.92
N ASP A 42 -9.94 -1.00 -18.44
CA ASP A 42 -8.85 -0.41 -19.21
C ASP A 42 -7.64 -1.32 -19.29
N ARG A 43 -6.87 -1.12 -20.37
CA ARG A 43 -5.53 -1.67 -20.47
C ARG A 43 -4.56 -0.53 -20.15
N PHE A 44 -3.66 -0.79 -19.20
CA PHE A 44 -2.68 0.19 -18.77
C PHE A 44 -1.37 -0.16 -19.41
N GLN A 45 -0.73 0.85 -19.97
CA GLN A 45 0.56 0.67 -20.57
C GLN A 45 1.44 1.74 -19.95
N LEU A 46 2.05 1.40 -18.82
CA LEU A 46 2.81 2.37 -18.08
C LEU A 46 4.28 2.14 -18.36
N ASN A 47 4.84 3.01 -19.20
CA ASN A 47 6.23 2.92 -19.59
C ASN A 47 7.15 3.58 -18.55
N VAL A 48 7.87 2.76 -17.79
CA VAL A 48 8.69 3.27 -16.72
C VAL A 48 10.09 3.50 -17.24
N ILE A 49 10.50 4.77 -17.23
CA ILE A 49 11.79 5.19 -17.80
C ILE A 49 12.75 5.47 -16.65
N ASP A 50 13.76 4.62 -16.52
CA ASP A 50 14.70 4.73 -15.41
C ASP A 50 15.83 5.66 -15.78
N ASN A 51 15.74 6.91 -15.31
CA ASN A 51 16.82 7.86 -15.51
C ASN A 51 17.52 8.20 -14.21
N LEU A 52 17.60 7.22 -13.33
CA LEU A 52 18.24 7.39 -12.02
C LEU A 52 19.76 7.35 -12.12
N THR A 53 20.42 8.16 -11.28
CA THR A 53 21.88 8.36 -11.34
C THR A 53 22.59 8.14 -9.99
N ASN A 54 21.80 7.92 -8.95
CA ASN A 54 22.29 7.89 -7.58
C ASN A 54 22.24 6.48 -6.99
N HIS A 55 23.42 5.87 -6.84
CA HIS A 55 23.51 4.50 -6.31
C HIS A 55 23.00 4.32 -4.87
N THR A 56 23.20 5.33 -4.03
CA THR A 56 22.71 5.29 -2.63
C THR A 56 21.18 5.09 -2.50
N MET A 57 20.42 5.62 -3.45
CA MET A 57 18.97 5.45 -3.48
C MET A 57 18.58 4.44 -4.57
N LEU A 58 19.59 3.83 -5.19
CA LEU A 58 19.39 2.78 -6.17
C LEU A 58 19.21 3.35 -7.58
N LYS A 59 20.06 2.95 -8.51
CA LYS A 59 19.89 3.40 -9.89
C LYS A 59 18.94 2.48 -10.65
N THR A 60 18.79 1.25 -10.17
CA THR A 60 17.78 0.36 -10.73
C THR A 60 16.46 0.61 -10.01
N THR A 61 15.37 0.08 -10.58
CA THR A 61 14.05 0.26 -10.00
C THR A 61 13.09 -0.81 -10.50
N SER A 62 12.00 -0.97 -9.77
CA SER A 62 10.92 -1.87 -10.16
C SER A 62 9.66 -1.36 -9.52
N VAL A 63 8.55 -1.31 -10.27
CA VAL A 63 7.32 -0.68 -9.73
C VAL A 63 6.20 -1.69 -9.54
N HIS A 64 5.62 -1.70 -8.32
CA HIS A 64 4.46 -2.50 -8.00
C HIS A 64 3.20 -1.65 -8.09
N TRP A 65 2.17 -2.25 -8.66
CA TRP A 65 0.86 -1.59 -8.79
C TRP A 65 -0.03 -2.24 -7.72
N HIS A 66 -0.11 -1.55 -6.57
CA HIS A 66 -0.63 -2.14 -5.34
C HIS A 66 -2.13 -2.36 -5.36
N GLY A 67 -2.53 -3.63 -5.28
CA GLY A 67 -3.94 -4.02 -5.14
C GLY A 67 -4.50 -4.68 -6.39
N PHE A 68 -3.75 -4.63 -7.49
CA PHE A 68 -4.25 -5.21 -8.74
C PHE A 68 -3.97 -6.71 -8.83
N PHE A 69 -4.96 -7.47 -9.29
CA PHE A 69 -4.79 -8.94 -9.36
C PHE A 69 -3.73 -9.40 -10.35
N GLN A 70 -3.52 -8.63 -11.41
CA GLN A 70 -2.52 -8.97 -12.45
C GLN A 70 -2.69 -10.41 -13.02
N GLN A 71 -3.94 -10.87 -13.13
CA GLN A 71 -4.20 -12.21 -13.66
CA GLN A 71 -4.23 -12.20 -13.69
C GLN A 71 -3.65 -12.30 -15.09
N GLY A 72 -2.73 -13.24 -15.29
CA GLY A 72 -2.09 -13.48 -16.57
C GLY A 72 -0.96 -12.51 -16.90
N THR A 73 -0.75 -11.52 -16.03
CA THR A 73 0.38 -10.59 -16.16
C THR A 73 1.20 -10.52 -14.86
N ASN A 74 1.49 -11.68 -14.31
CA ASN A 74 2.27 -11.78 -13.09
C ASN A 74 3.66 -11.12 -13.24
N TRP A 75 4.20 -11.16 -14.47
CA TRP A 75 5.50 -10.57 -14.78
C TRP A 75 5.53 -9.06 -14.56
N ALA A 76 4.34 -8.46 -14.46
CA ALA A 76 4.17 -7.02 -14.33
C ALA A 76 3.89 -6.55 -12.89
N ASP A 77 3.90 -7.49 -11.95
CA ASP A 77 3.47 -7.18 -10.58
C ASP A 77 4.43 -6.25 -9.83
N GLY A 78 5.73 -6.36 -10.10
CA GLY A 78 6.71 -5.44 -9.51
C GLY A 78 7.78 -5.92 -8.53
N PRO A 79 7.43 -6.76 -7.54
CA PRO A 79 8.48 -7.19 -6.60
C PRO A 79 9.78 -7.71 -7.23
N ALA A 80 10.88 -7.02 -6.93
CA ALA A 80 12.20 -7.39 -7.44
C ALA A 80 12.61 -8.77 -6.95
N PHE A 81 13.03 -9.59 -7.91
CA PHE A 81 13.46 -10.98 -7.69
C PHE A 81 12.33 -11.95 -7.32
N ILE A 82 11.10 -11.44 -7.37
CA ILE A 82 9.93 -12.30 -7.30
C ILE A 82 9.29 -12.34 -8.69
N ASN A 83 8.97 -11.16 -9.22
CA ASN A 83 8.24 -11.12 -10.48
C ASN A 83 9.04 -10.61 -11.69
N GLN A 84 10.19 -9.97 -11.40
CA GLN A 84 11.12 -9.47 -12.42
C GLN A 84 12.49 -9.16 -11.80
N CYS A 85 13.53 -9.07 -12.64
CA CYS A 85 14.73 -8.31 -12.25
C CYS A 85 14.42 -6.83 -12.37
N PRO A 86 15.11 -5.98 -11.57
CA PRO A 86 14.89 -4.54 -11.68
C PRO A 86 15.19 -4.00 -13.09
N ILE A 87 14.52 -2.90 -13.41
CA ILE A 87 14.85 -2.10 -14.59
C ILE A 87 16.20 -1.45 -14.32
N SER A 88 17.06 -1.38 -15.34
CA SER A 88 18.40 -0.82 -15.17
C SER A 88 18.44 0.65 -15.57
N PRO A 89 19.37 1.43 -14.99
CA PRO A 89 19.45 2.84 -15.35
C PRO A 89 19.77 3.01 -16.83
N GLY A 90 19.20 4.06 -17.44
CA GLY A 90 19.31 4.29 -18.87
C GLY A 90 18.42 3.38 -19.72
N HIS A 91 17.58 2.58 -19.06
CA HIS A 91 16.63 1.72 -19.77
C HIS A 91 15.19 2.07 -19.40
N SER A 92 14.24 1.65 -20.22
CA SER A 92 12.82 1.76 -19.88
C SER A 92 12.15 0.39 -19.97
N PHE A 93 11.00 0.27 -19.31
CA PHE A 93 10.29 -0.99 -19.26
C PHE A 93 8.78 -0.77 -19.22
N LEU A 94 8.09 -1.44 -20.11
CA LEU A 94 6.65 -1.26 -20.25
C LEU A 94 5.84 -2.26 -19.41
N TYR A 95 5.15 -1.73 -18.40
CA TYR A 95 4.16 -2.51 -17.64
C TYR A 95 2.83 -2.48 -18.40
N ASP A 96 2.44 -3.64 -18.92
CA ASP A 96 1.28 -3.72 -19.80
C ASP A 96 0.29 -4.70 -19.20
N PHE A 97 -0.78 -4.18 -18.61
CA PHE A 97 -1.73 -5.03 -17.89
C PHE A 97 -3.14 -4.50 -17.99
N GLN A 98 -4.11 -5.34 -17.67
CA GLN A 98 -5.51 -4.94 -17.70
C GLN A 98 -6.11 -4.99 -16.30
N VAL A 99 -7.18 -4.22 -16.11
CA VAL A 99 -7.93 -4.23 -14.85
C VAL A 99 -9.38 -4.46 -15.24
N PRO A 100 -9.71 -5.71 -15.62
CA PRO A 100 -11.05 -6.03 -16.15
C PRO A 100 -12.13 -6.09 -15.07
N ASN A 101 -11.73 -6.40 -13.84
CA ASN A 101 -12.64 -6.84 -12.79
C ASN A 101 -12.44 -6.13 -11.45
N GLN A 102 -11.80 -4.96 -11.49
CA GLN A 102 -11.54 -4.18 -10.27
C GLN A 102 -11.77 -2.67 -10.53
N ALA A 103 -12.23 -1.97 -9.50
CA ALA A 103 -12.28 -0.51 -9.49
C ALA A 103 -12.04 -0.04 -8.08
N GLY A 104 -11.52 1.16 -7.92
CA GLY A 104 -11.32 1.70 -6.59
C GLY A 104 -10.01 2.43 -6.42
N THR A 105 -9.51 2.47 -5.20
CA THR A 105 -8.36 3.27 -4.83
C THR A 105 -7.16 2.34 -4.62
N PHE A 106 -6.08 2.64 -5.34
CA PHE A 106 -4.86 1.84 -5.33
C PHE A 106 -3.70 2.80 -5.19
N TRP A 107 -2.49 2.26 -5.33
CA TRP A 107 -1.30 3.08 -5.44
C TRP A 107 -0.18 2.34 -6.12
N TYR A 108 0.92 3.04 -6.35
CA TYR A 108 2.06 2.42 -7.03
C TYR A 108 3.30 2.85 -6.27
N HIS A 109 4.28 1.96 -6.24
CA HIS A 109 5.53 2.27 -5.55
C HIS A 109 6.66 1.37 -5.99
N SER A 110 7.89 1.85 -5.83
CA SER A 110 9.03 0.97 -6.02
C SER A 110 8.87 -0.27 -5.15
N HIS A 111 9.21 -1.42 -5.71
CA HIS A 111 9.23 -2.64 -4.96
C HIS A 111 10.63 -3.25 -4.99
N LEU A 112 11.63 -2.38 -4.95
CA LEU A 112 13.03 -2.76 -4.86
C LEU A 112 13.58 -2.18 -3.58
N SER A 113 14.07 -3.05 -2.70
CA SER A 113 14.65 -2.61 -1.43
C SER A 113 13.72 -1.62 -0.73
N THR A 114 14.31 -0.56 -0.16
CA THR A 114 13.55 0.44 0.57
C THR A 114 13.42 1.73 -0.25
N GLN A 115 13.53 1.58 -1.58
CA GLN A 115 13.50 2.72 -2.49
C GLN A 115 12.20 3.53 -2.46
N TYR A 116 11.05 2.91 -2.17
CA TYR A 116 9.84 3.72 -2.11
C TYR A 116 9.86 4.75 -0.98
N CYS A 117 10.56 4.44 0.11
CA CYS A 117 10.70 5.39 1.23
C CYS A 117 11.42 6.66 0.80
N ASP A 118 12.32 6.52 -0.17
CA ASP A 118 13.08 7.63 -0.73
C ASP A 118 12.29 8.48 -1.73
N GLY A 119 11.04 8.13 -1.99
CA GLY A 119 10.16 8.99 -2.78
C GLY A 119 9.34 8.34 -3.89
N LEU A 120 9.67 7.11 -4.27
CA LEU A 120 9.03 6.55 -5.45
C LEU A 120 7.70 5.89 -5.07
N ARG A 121 6.65 6.72 -4.99
CA ARG A 121 5.32 6.27 -4.58
C ARG A 121 4.30 7.31 -4.98
N GLY A 122 3.12 6.85 -5.38
CA GLY A 122 2.08 7.76 -5.83
C GLY A 122 0.73 7.07 -5.79
N PRO A 123 -0.35 7.84 -5.88
CA PRO A 123 -1.69 7.26 -5.88
C PRO A 123 -2.12 6.76 -7.27
N PHE A 124 -3.08 5.84 -7.29
CA PHE A 124 -3.53 5.19 -8.53
C PHE A 124 -5.01 4.91 -8.36
N VAL A 125 -5.85 5.52 -9.19
CA VAL A 125 -7.30 5.34 -9.06
C VAL A 125 -7.89 4.69 -10.31
N VAL A 126 -8.75 3.70 -10.12
CA VAL A 126 -9.52 3.13 -11.22
C VAL A 126 -11.01 3.42 -10.96
N TYR A 127 -11.56 4.27 -11.81
CA TYR A 127 -12.93 4.74 -11.70
C TYR A 127 -13.93 3.74 -12.25
N ASP A 128 -15.14 3.76 -11.70
CA ASP A 128 -16.21 2.89 -12.10
C ASP A 128 -17.35 3.79 -12.61
N PRO A 129 -17.66 3.70 -13.92
CA PRO A 129 -18.71 4.58 -14.48
C PRO A 129 -20.08 4.28 -13.87
N ASN A 130 -20.25 3.06 -13.36
CA ASN A 130 -21.48 2.60 -12.71
C ASN A 130 -21.28 2.39 -11.21
N ASP A 131 -20.40 3.18 -10.62
CA ASP A 131 -20.08 3.04 -9.21
C ASP A 131 -21.34 2.96 -8.34
N PRO A 132 -21.49 1.85 -7.58
CA PRO A 132 -22.72 1.69 -6.78
C PRO A 132 -22.86 2.74 -5.67
N HIS A 133 -21.79 3.49 -5.41
CA HIS A 133 -21.81 4.50 -4.36
C HIS A 133 -22.00 5.91 -4.93
N ALA A 134 -22.18 5.99 -6.24
CA ALA A 134 -22.27 7.27 -6.95
C ALA A 134 -23.31 8.23 -6.37
N SER A 135 -24.45 7.70 -5.93
CA SER A 135 -25.50 8.54 -5.37
C SER A 135 -25.12 9.22 -4.03
N ARG A 136 -24.05 8.76 -3.37
CA ARG A 136 -23.62 9.32 -2.08
C ARG A 136 -22.73 10.58 -2.16
N TYR A 137 -22.30 10.96 -3.35
CA TYR A 137 -21.41 12.11 -3.51
C TYR A 137 -21.54 12.83 -4.84
N ASP A 138 -20.98 14.04 -4.89
CA ASP A 138 -21.07 14.89 -6.05
C ASP A 138 -19.74 15.06 -6.77
N VAL A 139 -18.63 15.00 -6.04
CA VAL A 139 -17.33 15.31 -6.63
C VAL A 139 -16.38 14.16 -6.35
N ASP A 140 -15.64 13.75 -7.39
CA ASP A 140 -14.64 12.69 -7.30
C ASP A 140 -13.68 12.89 -8.46
N ASN A 141 -12.51 13.44 -8.16
CA ASN A 141 -11.52 13.83 -9.17
C ASN A 141 -10.10 13.91 -8.59
N ASP A 142 -9.17 14.53 -9.32
CA ASP A 142 -7.77 14.61 -8.89
C ASP A 142 -7.64 15.25 -7.53
N ASP A 143 -8.51 16.24 -7.27
CA ASP A 143 -8.43 17.05 -6.06
C ASP A 143 -9.02 16.40 -4.82
N THR A 144 -9.65 15.23 -4.97
CA THR A 144 -10.21 14.48 -3.85
C THR A 144 -9.36 13.28 -3.42
N VAL A 145 -8.17 13.17 -4.00
CA VAL A 145 -7.20 12.17 -3.56
C VAL A 145 -6.34 12.79 -2.45
N ILE A 146 -6.34 12.15 -1.28
CA ILE A 146 -5.50 12.55 -0.16
C ILE A 146 -4.46 11.46 0.13
N THR A 147 -3.19 11.80 -0.07
CA THR A 147 -2.11 10.88 0.20
C THR A 147 -1.50 11.22 1.56
N LEU A 148 -1.15 10.20 2.32
CA LEU A 148 -0.36 10.33 3.53
C LEU A 148 0.99 9.66 3.35
N ALA A 149 2.04 10.27 3.88
CA ALA A 149 3.39 9.70 3.78
C ALA A 149 4.21 10.08 4.99
N ASP A 150 5.09 9.17 5.41
CA ASP A 150 6.20 9.46 6.29
C ASP A 150 7.37 10.04 5.47
N TRP A 151 7.97 11.10 5.98
CA TRP A 151 9.11 11.74 5.31
C TRP A 151 10.30 11.82 6.25
N TYR A 152 11.46 11.41 5.74
CA TYR A 152 12.70 11.36 6.53
C TYR A 152 13.73 12.31 5.93
N HIS A 153 14.48 13.00 6.80
CA HIS A 153 15.56 13.89 6.34
C HIS A 153 16.83 13.15 5.92
N THR A 154 16.95 11.92 6.40
CA THR A 154 18.05 11.04 6.05
C THR A 154 17.54 9.91 5.18
N ALA A 155 18.26 9.63 4.10
CA ALA A 155 17.87 8.62 3.11
C ALA A 155 17.81 7.22 3.75
N ALA A 156 16.97 6.36 3.18
CA ALA A 156 16.69 5.03 3.70
C ALA A 156 17.96 4.21 3.95
N LYS A 157 18.93 4.29 3.06
CA LYS A 157 20.16 3.53 3.25
C LYS A 157 21.15 4.19 4.23
N LEU A 158 20.92 5.45 4.57
CA LEU A 158 21.89 6.23 5.35
C LEU A 158 21.54 6.38 6.84
N GLY A 159 20.28 6.13 7.18
CA GLY A 159 19.83 6.29 8.55
C GLY A 159 19.85 4.98 9.31
N PRO A 160 19.15 4.92 10.47
CA PRO A 160 19.12 3.66 11.21
C PRO A 160 18.36 2.63 10.39
N ARG A 161 18.66 1.36 10.63
CA ARG A 161 18.02 0.24 9.94
C ARG A 161 16.50 0.30 10.13
N PHE A 162 16.09 0.63 11.35
CA PHE A 162 14.69 0.77 11.73
C PHE A 162 14.50 2.15 12.38
N PRO A 163 14.24 3.18 11.55
CA PRO A 163 14.00 4.54 12.09
C PRO A 163 12.90 4.62 13.16
N ALA A 164 13.06 5.55 14.10
CA ALA A 164 12.09 5.74 15.17
C ALA A 164 11.07 6.82 14.82
N GLY A 165 10.41 6.64 13.67
CA GLY A 165 9.43 7.61 13.21
C GLY A 165 10.00 8.58 12.22
N ALA A 166 9.10 9.24 11.50
CA ALA A 166 9.50 10.16 10.44
C ALA A 166 9.84 11.53 11.01
N ASP A 167 10.54 12.33 10.22
CA ASP A 167 10.73 13.74 10.54
C ASP A 167 9.46 14.57 10.34
N ALA A 168 8.70 14.22 9.31
CA ALA A 168 7.45 14.90 9.01
C ALA A 168 6.43 13.89 8.46
N THR A 169 5.17 14.09 8.83
CA THR A 169 4.09 13.46 8.07
C THR A 169 3.72 14.42 6.95
N LEU A 170 3.58 13.89 5.74
CA LEU A 170 3.16 14.66 4.60
C LEU A 170 1.73 14.29 4.27
N ILE A 171 0.93 15.32 4.01
CA ILE A 171 -0.44 15.15 3.53
C ILE A 171 -0.47 15.86 2.18
N ASN A 172 -0.87 15.15 1.13
CA ASN A 172 -0.74 15.65 -0.24
C ASN A 172 0.62 16.28 -0.50
N GLY A 173 1.66 15.60 0.01
CA GLY A 173 3.04 15.94 -0.33
C GLY A 173 3.68 17.07 0.44
N LYS A 174 2.93 17.69 1.37
CA LYS A 174 3.48 18.75 2.23
C LYS A 174 3.20 18.51 3.72
N GLY A 175 4.09 19.01 4.57
CA GLY A 175 3.92 18.85 6.03
C GLY A 175 5.02 19.59 6.76
N ARG A 176 4.90 19.67 8.09
CA ARG A 176 5.90 20.37 8.88
C ARG A 176 6.73 19.43 9.73
N ALA A 177 8.01 19.75 9.79
CA ALA A 177 8.96 19.12 10.65
C ALA A 177 9.28 20.13 11.77
N PRO A 178 9.88 19.67 12.89
CA PRO A 178 10.35 20.62 13.94
C PRO A 178 11.26 21.74 13.42
N SER A 179 12.03 21.46 12.37
CA SER A 179 13.04 22.39 11.84
C SER A 179 12.49 23.66 11.16
N ASP A 180 11.20 23.64 10.83
CA ASP A 180 10.55 24.79 10.21
C ASP A 180 9.03 24.72 10.37
N THR A 181 8.52 25.46 11.35
CA THR A 181 7.10 25.43 11.68
CA THR A 181 7.10 25.41 11.69
C THR A 181 6.27 26.41 10.87
N SER A 182 6.88 27.00 9.85
CA SER A 182 6.15 27.88 8.93
C SER A 182 6.17 27.36 7.49
N ALA A 183 6.62 26.12 7.31
CA ALA A 183 6.64 25.51 6.00
C ALA A 183 5.20 25.43 5.47
N GLU A 184 5.07 25.50 4.16
CA GLU A 184 3.76 25.49 3.52
C GLU A 184 3.00 24.21 3.78
N LEU A 185 1.76 24.36 4.24
CA LEU A 185 0.84 23.23 4.42
C LEU A 185 -0.02 23.01 3.19
N SER A 186 -0.35 21.76 2.94
CA SER A 186 -1.31 21.44 1.91
C SER A 186 -2.67 22.02 2.26
N VAL A 187 -3.36 22.45 1.21
CA VAL A 187 -4.72 22.93 1.30
C VAL A 187 -5.59 22.05 0.40
N ILE A 188 -6.65 21.51 0.99
CA ILE A 188 -7.67 20.79 0.25
C ILE A 188 -8.91 21.67 0.21
N LYS A 189 -9.34 22.02 -1.00
CA LYS A 189 -10.43 22.96 -1.18
C LYS A 189 -11.77 22.23 -1.32
N VAL A 190 -12.80 22.78 -0.68
CA VAL A 190 -14.17 22.28 -0.86
C VAL A 190 -15.14 23.44 -1.05
N THR A 191 -16.15 23.26 -1.90
CA THR A 191 -17.24 24.20 -2.02
C THR A 191 -18.37 23.77 -1.09
N LYS A 192 -18.79 24.66 -0.20
CA LYS A 192 -19.90 24.38 0.70
C LYS A 192 -21.11 23.86 -0.08
N GLY A 193 -21.77 22.84 0.47
CA GLY A 193 -22.99 22.32 -0.13
C GLY A 193 -22.80 21.11 -1.01
N LYS A 194 -21.54 20.80 -1.33
CA LYS A 194 -21.21 19.63 -2.15
C LYS A 194 -20.71 18.48 -1.29
N ARG A 195 -20.93 17.21 -1.69
CA ARG A 195 -20.37 16.02 -1.05
C ARG A 195 -19.20 15.50 -1.86
N NIY A 196 -18.11 15.16 -1.17
CA NIY A 196 -16.85 14.82 -1.82
C NIY A 196 -16.46 13.40 -1.49
O NIY A 196 -16.48 13.01 -0.34
CB NIY A 196 -15.73 15.74 -1.34
CG NIY A 196 -15.97 17.17 -1.79
CD1 NIY A 196 -15.31 17.67 -2.91
CD2 NIY A 196 -16.85 17.99 -1.06
CE1 NIY A 196 -15.54 18.99 -3.32
CE2 NIY A 196 -17.07 19.30 -1.47
CZ NIY A 196 -16.41 19.79 -2.59
OH NIY A 196 -16.65 21.08 -2.98
NN NIY A 196 -14.90 19.51 -4.46
O1 NIY A 196 -13.83 19.06 -4.85
O2 NIY A 196 -15.40 20.45 -5.07
N ARG A 197 -16.10 12.63 -2.51
CA ARG A 197 -15.52 11.31 -2.30
C ARG A 197 -14.01 11.46 -2.17
N PHE A 198 -13.53 11.51 -0.94
CA PHE A 198 -12.09 11.56 -0.67
C PHE A 198 -11.51 10.16 -0.64
N ARG A 199 -10.44 9.98 -1.39
CA ARG A 199 -9.77 8.72 -1.52
C ARG A 199 -8.45 8.88 -0.77
N LEU A 200 -8.47 8.32 0.44
CA LEU A 200 -7.35 8.39 1.37
C LEU A 200 -6.39 7.24 1.12
N VAL A 201 -5.15 7.58 0.76
CA VAL A 201 -4.13 6.60 0.41
C VAL A 201 -2.91 6.72 1.32
N SER A 202 -2.61 5.65 2.05
CA SER A 202 -1.38 5.63 2.84
C SER A 202 -0.20 5.16 1.99
N LEU A 203 0.72 6.09 1.71
CA LEU A 203 1.96 5.78 1.01
C LEU A 203 3.09 5.54 2.02
N SER A 204 2.71 5.28 3.27
CA SER A 204 3.67 5.27 4.36
C SER A 204 4.62 4.07 4.26
N CYS A 205 5.83 4.24 4.79
CA CYS A 205 6.84 3.19 4.72
C CYS A 205 7.01 2.50 6.07
N ASP A 206 6.39 3.06 7.10
CA ASP A 206 6.52 2.53 8.45
C ASP A 206 5.24 2.77 9.26
N PRO A 207 5.09 4.00 9.75
CA PRO A 207 4.08 4.31 10.76
C PRO A 207 2.67 4.29 10.18
N ASN A 208 1.68 3.92 11.00
CA ASN A 208 0.29 4.20 10.69
C ASN A 208 -0.13 5.60 11.14
N PHE A 209 -1.30 6.04 10.67
CA PHE A 209 -1.78 7.39 10.97
C PHE A 209 -3.22 7.37 11.39
N THR A 210 -3.54 8.17 12.40
CA THR A 210 -4.91 8.33 12.85
C THR A 210 -5.46 9.62 12.24
N PHE A 211 -6.32 9.44 11.24
CA PHE A 211 -6.77 10.53 10.38
C PHE A 211 -8.13 11.08 10.82
N SER A 212 -8.21 12.40 10.91
CA SER A 212 -9.47 13.07 11.26
C SER A 212 -9.51 14.48 10.68
N ILE A 213 -10.73 15.02 10.54
CA ILE A 213 -10.94 16.39 10.08
C ILE A 213 -11.81 17.11 11.10
N ASP A 214 -11.33 18.24 11.61
CA ASP A 214 -12.04 18.99 12.64
C ASP A 214 -13.45 19.35 12.17
N GLY A 215 -14.43 19.11 13.04
CA GLY A 215 -15.82 19.51 12.79
C GLY A 215 -16.56 18.76 11.70
N HIS A 216 -15.94 17.70 11.17
CA HIS A 216 -16.55 16.91 10.11
C HIS A 216 -16.51 15.42 10.41
N ASN A 217 -17.58 14.72 10.06
CA ASN A 217 -17.61 13.26 10.13
C ASN A 217 -17.38 12.69 8.74
N LEU A 218 -17.15 11.41 8.70
CA LEU A 218 -16.80 10.77 7.44
C LEU A 218 -17.59 9.49 7.24
N THR A 219 -18.00 9.28 6.01
CA THR A 219 -18.70 8.05 5.67
C THR A 219 -17.80 7.16 4.82
N ILE A 220 -17.27 6.10 5.41
CA ILE A 220 -16.45 5.13 4.69
C ILE A 220 -17.32 4.33 3.72
N ILE A 221 -16.92 4.30 2.45
CA ILE A 221 -17.65 3.59 1.40
C ILE A 221 -16.76 2.60 0.64
N GLU A 222 -15.45 2.67 0.87
CA GLU A 222 -14.48 1.78 0.26
C GLU A 222 -13.34 1.43 1.22
N VAL A 223 -12.87 0.18 1.18
CA VAL A 223 -11.80 -0.35 2.04
C VAL A 223 -10.82 -1.05 1.12
N ASP A 224 -9.61 -0.56 0.95
CA ASP A 224 -8.61 -1.06 0.00
C ASP A 224 -9.21 -1.53 -1.37
N SER A 225 -9.96 -0.74 -2.07
CA SER A 225 -10.48 -1.26 -3.35
C SER A 225 -11.74 -2.13 -3.30
N SER A 226 -12.22 -2.48 -2.05
CA SER A 226 -13.48 -3.19 -1.94
CA SER A 226 -13.50 -3.19 -1.92
C SER A 226 -14.58 -2.24 -1.43
N ASN A 227 -15.71 -2.17 -2.18
CA ASN A 227 -16.88 -1.39 -1.78
C ASN A 227 -17.46 -1.91 -0.49
N SER A 228 -17.63 -1.00 0.47
CA SER A 228 -18.21 -1.34 1.76
C SER A 228 -19.59 -0.72 1.89
N GLN A 229 -20.40 -1.26 2.80
CA GLN A 229 -21.59 -0.55 3.25
C GLN A 229 -21.14 0.76 3.90
N PRO A 230 -21.98 1.81 3.81
CA PRO A 230 -21.62 3.12 4.39
C PRO A 230 -21.43 3.06 5.90
N LEU A 231 -20.19 3.33 6.39
CA LEU A 231 -19.92 3.36 7.83
C LEU A 231 -19.52 4.77 8.29
N SER A 232 -20.33 5.36 9.15
CA SER A 232 -20.08 6.70 9.65
C SER A 232 -19.04 6.68 10.80
N VAL A 233 -17.94 7.41 10.61
CA VAL A 233 -16.83 7.42 11.57
C VAL A 233 -16.37 8.85 11.79
N ASP A 234 -15.67 9.11 12.89
CA ASP A 234 -15.10 10.43 13.06
C ASP A 234 -13.58 10.44 13.11
N SER A 235 -13.00 9.24 12.94
CA SER A 235 -11.56 9.09 12.76
CA SER A 235 -11.55 9.05 12.86
C SER A 235 -11.23 7.74 12.15
N ILE A 236 -10.09 7.70 11.47
CA ILE A 236 -9.67 6.52 10.77
C ILE A 236 -8.21 6.26 11.06
N GLN A 237 -7.93 5.15 11.74
CA GLN A 237 -6.56 4.67 11.85
C GLN A 237 -6.25 3.88 10.57
N ILE A 238 -5.29 4.41 9.81
CA ILE A 238 -4.93 3.83 8.53
C ILE A 238 -3.49 3.36 8.57
N PHE A 239 -3.28 2.09 8.22
CA PHE A 239 -1.97 1.46 8.26
C PHE A 239 -1.25 1.62 6.92
N ALA A 240 0.06 1.47 6.93
CA ALA A 240 0.87 1.58 5.69
C ALA A 240 0.23 0.74 4.58
N ALA A 241 0.09 1.36 3.41
CA ALA A 241 -0.42 0.71 2.17
C ALA A 241 -1.94 0.53 2.08
N GLN A 242 -2.67 0.83 3.16
CA GLN A 242 -4.13 0.74 3.11
C GLN A 242 -4.73 1.93 2.37
N ARG A 243 -5.99 1.78 1.94
CA ARG A 243 -6.77 2.88 1.35
C ARG A 243 -8.20 2.85 1.90
N TYR A 244 -8.79 4.04 2.01
CA TYR A 244 -10.22 4.22 2.29
C TYR A 244 -10.74 5.33 1.39
N SER A 245 -11.94 5.13 0.84
CA SER A 245 -12.75 6.24 0.37
C SER A 245 -13.73 6.63 1.46
N PHE A 246 -13.83 7.93 1.73
CA PHE A 246 -14.85 8.40 2.63
C PHE A 246 -15.56 9.57 2.01
N VAL A 247 -16.84 9.69 2.32
CA VAL A 247 -17.58 10.84 1.85
C VAL A 247 -17.56 11.91 2.94
N LEU A 248 -17.13 13.10 2.54
CA LEU A 248 -17.28 14.30 3.37
C LEU A 248 -18.34 15.22 2.75
N ASN A 249 -19.34 15.55 3.56
CA ASN A 249 -20.31 16.59 3.21
C ASN A 249 -19.79 17.96 3.67
N ALA A 250 -19.55 18.87 2.73
CA ALA A 250 -19.03 20.19 3.09
C ALA A 250 -20.17 21.09 3.55
N ASN A 251 -20.70 20.78 4.73
CA ASN A 251 -21.94 21.39 5.21
C ASN A 251 -21.75 22.27 6.43
N GLN A 252 -20.49 22.51 6.80
CA GLN A 252 -20.19 23.37 7.94
C GLN A 252 -20.03 24.81 7.47
N ALA A 253 -19.76 25.71 8.41
CA ALA A 253 -19.62 27.13 8.08
C ALA A 253 -18.41 27.29 7.15
N VAL A 254 -18.52 28.18 6.16
CA VAL A 254 -17.37 28.56 5.36
C VAL A 254 -16.25 28.92 6.34
N ASP A 255 -15.16 28.16 6.31
CA ASP A 255 -14.05 28.32 7.26
C ASP A 255 -12.85 27.41 6.92
N ASN A 256 -11.80 27.53 7.73
CA ASN A 256 -10.62 26.67 7.66
C ASN A 256 -10.69 25.64 8.79
N TYR A 257 -10.52 24.37 8.44
CA TYR A 257 -10.61 23.28 9.41
C TYR A 257 -9.32 22.45 9.34
N TRP A 258 -8.78 22.07 10.50
CA TRP A 258 -7.57 21.24 10.52
C TRP A 258 -7.88 19.82 10.02
N ILE A 259 -7.11 19.39 9.02
CA ILE A 259 -7.00 17.97 8.66
C ILE A 259 -5.82 17.39 9.46
N ARG A 260 -6.05 16.27 10.15
CA ARG A 260 -5.06 15.71 11.07
C ARG A 260 -4.67 14.27 10.69
N ALA A 261 -3.38 13.98 10.70
CA ALA A 261 -2.91 12.61 10.47
C ALA A 261 -1.79 12.30 11.45
N ASN A 262 -2.18 11.80 12.61
CA ASN A 262 -1.29 11.63 13.74
C ASN A 262 -0.59 10.26 13.70
N PRO A 263 0.77 10.25 13.58
CA PRO A 263 1.47 8.98 13.50
C PRO A 263 1.49 8.25 14.84
N ASN A 264 1.71 6.94 14.81
CA ASN A 264 1.76 6.12 16.05
C ASN A 264 3.06 6.27 16.84
N PHE A 265 4.11 6.73 16.17
CA PHE A 265 5.37 7.10 16.82
C PHE A 265 6.09 8.16 15.99
N GLY A 266 7.11 8.76 16.59
CA GLY A 266 7.83 9.85 15.98
C GLY A 266 7.41 11.15 16.65
N ASN A 267 7.22 12.16 15.83
CA ASN A 267 6.73 13.45 16.28
C ASN A 267 5.22 13.40 16.28
N VAL A 268 4.64 13.03 17.42
CA VAL A 268 3.20 12.90 17.55
C VAL A 268 2.58 14.23 17.97
N GLY A 269 1.28 14.37 17.74
CA GLY A 269 0.54 15.58 18.11
C GLY A 269 0.59 16.61 17.00
N PHE A 270 0.43 17.88 17.37
CA PHE A 270 0.15 18.93 16.39
C PHE A 270 0.81 20.28 16.69
N ASN A 271 1.82 20.26 17.56
CA ASN A 271 2.53 21.48 17.92
C ASN A 271 3.14 22.08 16.67
N GLY A 272 2.79 23.34 16.43
CA GLY A 272 3.29 24.08 15.30
C GLY A 272 2.73 23.60 13.97
N GLY A 273 1.59 22.90 14.01
CA GLY A 273 0.91 22.47 12.78
C GLY A 273 1.59 21.31 12.08
N ILE A 274 2.42 20.55 12.81
CA ILE A 274 2.91 19.26 12.30
C ILE A 274 1.73 18.26 12.14
N ASN A 275 1.92 17.22 11.33
CA ASN A 275 0.92 16.17 11.14
C ASN A 275 -0.43 16.75 10.69
N SER A 276 -0.39 17.84 9.93
CA SER A 276 -1.58 18.62 9.60
C SER A 276 -1.62 19.14 8.16
N ALA A 277 -2.86 19.33 7.70
CA ALA A 277 -3.14 20.08 6.51
C ALA A 277 -4.43 20.88 6.73
N ILE A 278 -4.86 21.60 5.69
CA ILE A 278 -5.95 22.55 5.81
C ILE A 278 -7.11 22.17 4.91
N LEU A 279 -8.28 22.04 5.52
CA LEU A 279 -9.55 21.97 4.80
C LEU A 279 -10.09 23.40 4.69
N ARG A 280 -10.04 23.95 3.48
CA ARG A 280 -10.46 25.33 3.24
C ARG A 280 -11.73 25.35 2.40
N TYR A 281 -12.81 25.85 2.99
CA TYR A 281 -14.03 26.14 2.23
C TYR A 281 -13.82 27.32 1.26
N ASP A 282 -14.33 27.22 0.02
CA ASP A 282 -14.26 28.33 -0.95
C ASP A 282 -14.76 29.58 -0.27
N GLY A 283 -13.95 30.63 -0.31
CA GLY A 283 -14.33 31.91 0.28
C GLY A 283 -13.72 32.21 1.64
N ALA A 284 -13.23 31.18 2.33
CA ALA A 284 -12.52 31.36 3.59
C ALA A 284 -11.18 32.03 3.32
N PRO A 285 -10.70 32.90 4.25
CA PRO A 285 -9.40 33.55 4.08
C PRO A 285 -8.22 32.57 4.04
N ALA A 286 -7.16 32.96 3.33
CA ALA A 286 -5.97 32.12 3.16
C ALA A 286 -5.09 32.14 4.41
N VAL A 287 -5.64 31.61 5.51
CA VAL A 287 -4.93 31.50 6.78
C VAL A 287 -5.05 30.07 7.35
N GLU A 288 -4.35 29.81 8.46
CA GLU A 288 -4.40 28.51 9.13
C GLU A 288 -5.71 28.36 9.89
N PRO A 289 -6.21 27.13 10.00
CA PRO A 289 -7.33 26.88 10.92
C PRO A 289 -6.97 27.24 12.36
N THR A 290 -8.00 27.58 13.12
CA THR A 290 -7.84 27.67 14.55
C THR A 290 -8.82 26.71 15.22
N THR A 291 -9.29 25.72 14.46
CA THR A 291 -10.27 24.76 15.01
C THR A 291 -9.61 23.85 16.04
N ASN A 292 -10.40 23.36 17.00
CA ASN A 292 -9.89 22.44 18.00
C ASN A 292 -10.27 21.00 17.71
N GLN A 293 -9.39 20.07 18.05
CA GLN A 293 -9.69 18.65 17.86
C GLN A 293 -10.68 18.22 18.95
N THR A 294 -11.62 17.37 18.56
CA THR A 294 -12.55 16.80 19.53
C THR A 294 -12.30 15.30 19.63
N THR A 295 -12.50 14.77 20.83
CA THR A 295 -12.31 13.33 21.07
C THR A 295 -13.08 12.58 20.00
N SER A 296 -12.43 11.56 19.44
CA SER A 296 -13.10 10.64 18.52
C SER A 296 -14.08 9.80 19.33
N VAL A 297 -15.35 9.84 18.93
CA VAL A 297 -16.40 9.10 19.60
C VAL A 297 -16.98 7.99 18.72
N LYS A 298 -16.70 8.05 17.42
CA LYS A 298 -17.01 6.96 16.50
CA LYS A 298 -16.99 6.89 16.57
C LYS A 298 -15.80 6.56 15.67
N PRO A 299 -14.70 6.10 16.31
CA PRO A 299 -13.55 5.70 15.50
C PRO A 299 -13.88 4.51 14.61
N LEU A 300 -13.16 4.38 13.51
CA LEU A 300 -13.26 3.16 12.70
C LEU A 300 -12.80 1.92 13.46
N ASN A 301 -13.63 0.87 13.42
CA ASN A 301 -13.21 -0.48 13.82
CA ASN A 301 -13.19 -0.47 13.80
C ASN A 301 -13.37 -1.36 12.59
N GLU A 302 -12.34 -2.14 12.27
CA GLU A 302 -12.37 -2.99 11.08
C GLU A 302 -13.52 -4.01 11.12
N VAL A 303 -13.87 -4.48 12.32
CA VAL A 303 -14.99 -5.44 12.45
C VAL A 303 -16.37 -4.85 12.10
N ASN A 304 -16.44 -3.52 12.01
CA ASN A 304 -17.70 -2.82 11.69
C ASN A 304 -17.88 -2.65 10.20
N LEU A 305 -16.82 -2.90 9.44
CA LEU A 305 -16.82 -2.81 7.99
C LEU A 305 -17.35 -4.09 7.36
N HIS A 306 -18.26 -3.98 6.40
CA HIS A 306 -18.77 -5.14 5.69
C HIS A 306 -18.92 -4.80 4.21
N PRO A 307 -18.71 -5.79 3.31
CA PRO A 307 -18.81 -5.49 1.88
C PRO A 307 -20.20 -4.95 1.49
N LEU A 308 -20.22 -4.00 0.56
CA LEU A 308 -21.48 -3.45 0.04
C LEU A 308 -22.40 -4.56 -0.53
N VAL A 309 -21.82 -5.51 -1.26
CA VAL A 309 -22.59 -6.62 -1.81
C VAL A 309 -22.18 -7.93 -1.14
N SER A 310 -23.13 -8.85 -1.00
CA SER A 310 -22.87 -10.14 -0.36
C SER A 310 -21.67 -10.82 -1.01
N THR A 311 -20.64 -11.07 -0.20
CA THR A 311 -19.40 -11.63 -0.73
C THR A 311 -19.05 -12.87 0.11
N PRO A 312 -19.15 -14.06 -0.49
CA PRO A 312 -18.94 -15.29 0.28
C PRO A 312 -17.51 -15.45 0.75
N VAL A 313 -17.35 -15.83 2.01
CA VAL A 313 -16.04 -16.19 2.57
C VAL A 313 -15.60 -17.55 2.01
N PRO A 314 -14.36 -17.65 1.49
CA PRO A 314 -13.82 -18.94 1.04
C PRO A 314 -13.91 -20.01 2.14
N GLY A 315 -14.12 -21.27 1.74
CA GLY A 315 -14.17 -22.37 2.70
C GLY A 315 -15.49 -22.53 3.45
N SER A 316 -15.41 -23.17 4.62
CA SER A 316 -16.60 -23.41 5.45
C SER A 316 -16.43 -22.78 6.84
N PRO A 317 -17.57 -22.50 7.53
CA PRO A 317 -17.53 -21.63 8.70
C PRO A 317 -17.01 -22.33 9.96
N SER A 318 -15.73 -22.67 9.94
CA SER A 318 -15.06 -23.35 11.06
C SER A 318 -13.56 -23.14 11.00
N SER A 319 -12.91 -23.17 12.15
CA SER A 319 -11.45 -23.02 12.22
C SER A 319 -10.76 -24.10 11.38
N GLY A 320 -9.99 -23.66 10.37
CA GLY A 320 -9.29 -24.57 9.48
C GLY A 320 -10.17 -25.27 8.47
N GLY A 321 -11.43 -24.84 8.35
CA GLY A 321 -12.37 -25.36 7.34
C GLY A 321 -12.08 -24.81 5.94
N VAL A 322 -10.90 -25.13 5.43
CA VAL A 322 -10.40 -24.64 4.15
C VAL A 322 -9.62 -25.80 3.53
N ASP A 323 -9.23 -25.67 2.28
CA ASP A 323 -8.38 -26.70 1.66
C ASP A 323 -6.96 -26.72 2.22
N LYS A 324 -6.40 -25.56 2.53
CA LYS A 324 -5.04 -25.48 3.06
C LYS A 324 -4.95 -24.37 4.10
N ALA A 325 -4.50 -24.73 5.30
CA ALA A 325 -4.30 -23.75 6.36
C ALA A 325 -2.82 -23.55 6.66
N ILE A 326 -2.40 -22.29 6.69
CA ILE A 326 -1.00 -21.93 6.93
C ILE A 326 -0.87 -20.98 8.13
N ASN A 327 0.00 -21.32 9.06
CA ASN A 327 0.29 -20.46 10.19
C ASN A 327 1.69 -19.83 10.03
N MET A 328 1.77 -18.54 10.33
CA MET A 328 3.02 -17.82 10.15
C MET A 328 3.59 -17.48 11.52
N ALA A 329 4.65 -18.20 11.89
CA ALA A 329 5.35 -17.99 13.15
C ALA A 329 6.49 -17.00 12.97
N PHE A 330 6.40 -15.88 13.68
CA PHE A 330 7.33 -14.77 13.53
C PHE A 330 8.51 -14.83 14.50
N ASN A 331 9.68 -14.44 14.01
CA ASN A 331 10.88 -14.28 14.84
C ASN A 331 11.68 -13.05 14.36
N PHE A 332 12.55 -12.56 15.23
CA PHE A 332 13.34 -11.36 14.97
C PHE A 332 14.57 -11.37 15.86
N ASN A 333 15.72 -11.10 15.28
CA ASN A 333 16.98 -11.27 15.99
C ASN A 333 17.78 -9.98 16.14
N GLY A 334 17.14 -8.84 15.89
CA GLY A 334 17.83 -7.55 16.00
C GLY A 334 18.04 -6.87 14.66
N SER A 335 18.20 -7.65 13.59
CA SER A 335 18.49 -7.09 12.26
C SER A 335 17.60 -7.69 11.19
N ASN A 336 17.19 -8.94 11.41
CA ASN A 336 16.37 -9.68 10.47
C ASN A 336 15.11 -10.27 11.09
N PHE A 337 14.04 -10.28 10.31
CA PHE A 337 12.79 -10.96 10.65
C PHE A 337 12.74 -12.34 9.98
N PHE A 338 12.01 -13.26 10.60
CA PHE A 338 11.89 -14.65 10.13
C PHE A 338 10.42 -15.06 10.12
N ILE A 339 9.99 -15.76 9.07
CA ILE A 339 8.67 -16.37 9.04
C ILE A 339 8.89 -17.86 8.97
N ASN A 340 8.40 -18.55 10.00
CA ASN A 340 8.58 -19.98 10.11
C ASN A 340 10.03 -20.37 9.89
N GLY A 341 10.93 -19.63 10.54
CA GLY A 341 12.35 -20.00 10.59
C GLY A 341 13.21 -19.50 9.46
N ALA A 342 12.60 -18.82 8.49
CA ALA A 342 13.30 -18.31 7.32
C ALA A 342 13.19 -16.80 7.20
N SER A 343 14.35 -16.14 7.08
CA SER A 343 14.41 -14.72 6.76
C SER A 343 14.56 -14.62 5.24
N PHE A 344 13.66 -13.88 4.59
CA PHE A 344 13.66 -13.79 3.14
C PHE A 344 14.91 -13.10 2.60
N VAL A 345 15.62 -13.78 1.70
CA VAL A 345 16.73 -13.17 0.96
C VAL A 345 16.41 -13.32 -0.52
N PRO A 346 16.33 -12.21 -1.27
CA PRO A 346 15.94 -12.31 -2.68
C PRO A 346 16.86 -13.28 -3.46
N PRO A 347 16.26 -14.14 -4.32
CA PRO A 347 17.06 -15.08 -5.11
C PRO A 347 17.71 -14.35 -6.28
N SER A 348 18.81 -14.89 -6.77
CA SER A 348 19.46 -14.27 -7.92
C SER A 348 18.59 -14.37 -9.19
N VAL A 349 17.92 -15.51 -9.37
CA VAL A 349 16.95 -15.72 -10.45
C VAL A 349 15.53 -15.43 -9.90
N PRO A 350 14.85 -14.43 -10.47
CA PRO A 350 13.52 -14.13 -9.94
C PRO A 350 12.61 -15.37 -9.86
N VAL A 351 11.80 -15.46 -8.81
CA VAL A 351 10.94 -16.63 -8.60
C VAL A 351 10.14 -16.97 -9.86
N LEU A 352 9.53 -15.97 -10.51
CA LEU A 352 8.78 -16.24 -11.76
C LEU A 352 9.64 -16.88 -12.85
N LEU A 353 10.83 -16.32 -13.09
CA LEU A 353 11.80 -16.85 -14.01
C LEU A 353 12.20 -18.29 -13.65
N GLN A 354 12.40 -18.56 -12.36
CA GLN A 354 12.63 -19.96 -11.90
C GLN A 354 11.52 -20.88 -12.35
N ILE A 355 10.27 -20.42 -12.20
CA ILE A 355 9.11 -21.24 -12.58
C ILE A 355 9.04 -21.43 -14.08
N LEU A 356 9.25 -20.35 -14.83
CA LEU A 356 9.29 -20.44 -16.29
C LEU A 356 10.41 -21.36 -16.75
N SER A 357 11.45 -21.48 -15.92
CA SER A 357 12.57 -22.39 -16.16
C SER A 357 12.33 -23.81 -15.62
N GLY A 358 11.12 -24.08 -15.14
CA GLY A 358 10.71 -25.43 -14.76
C GLY A 358 10.53 -25.71 -13.28
N ALA A 359 10.92 -24.77 -12.41
CA ALA A 359 10.85 -25.03 -10.96
C ALA A 359 9.41 -24.87 -10.50
N GLN A 360 8.78 -25.98 -10.09
CA GLN A 360 7.36 -25.96 -9.79
C GLN A 360 7.01 -26.45 -8.37
N THR A 361 7.99 -26.99 -7.65
CA THR A 361 7.79 -27.46 -6.29
C THR A 361 8.58 -26.60 -5.30
N ALA A 362 8.09 -26.56 -4.05
CA ALA A 362 8.79 -25.82 -2.97
C ALA A 362 10.25 -26.27 -2.89
N GLN A 363 10.46 -27.58 -3.05
CA GLN A 363 11.81 -28.17 -3.03
C GLN A 363 12.77 -27.55 -4.06
N ASP A 364 12.28 -27.32 -5.28
CA ASP A 364 13.09 -26.79 -6.37
C ASP A 364 13.20 -25.26 -6.38
N LEU A 365 12.22 -24.58 -5.78
CA LEU A 365 12.15 -23.10 -5.77
C LEU A 365 13.02 -22.45 -4.70
N LEU A 366 13.66 -21.33 -5.07
CA LEU A 366 14.56 -20.56 -4.21
C LEU A 366 13.97 -19.19 -3.93
N PRO A 367 14.17 -18.66 -2.70
CA PRO A 367 14.99 -19.25 -1.63
C PRO A 367 14.31 -20.40 -0.90
N SER A 368 15.12 -21.38 -0.50
CA SER A 368 14.66 -22.58 0.19
C SER A 368 13.95 -22.18 1.48
N GLY A 369 12.71 -22.64 1.66
CA GLY A 369 11.95 -22.43 2.89
C GLY A 369 11.15 -21.14 2.99
N SER A 370 11.18 -20.33 1.93
CA SER A 370 10.41 -19.07 1.87
C SER A 370 9.30 -19.12 0.82
N VAL A 371 9.26 -20.24 0.07
CA VAL A 371 8.27 -20.39 -0.99
C VAL A 371 7.24 -21.47 -0.63
N NIY A 372 5.98 -21.09 -0.65
CA NIY A 372 4.88 -21.97 -0.32
C NIY A 372 4.09 -22.26 -1.56
O NIY A 372 3.50 -21.35 -2.15
CB NIY A 372 3.96 -21.31 0.72
CG NIY A 372 4.63 -21.22 2.06
CD1 NIY A 372 4.43 -22.24 3.01
CD2 NIY A 372 5.45 -20.14 2.38
CE1 NIY A 372 5.04 -22.17 4.25
CE2 NIY A 372 6.06 -20.07 3.63
CZ NIY A 372 5.86 -21.09 4.56
OH NIY A 372 6.47 -21.00 5.78
NN NIY A 372 4.81 -23.21 5.16
O1 NIY A 372 3.72 -23.35 5.70
O2 NIY A 372 5.70 -24.01 5.43
N VAL A 373 4.06 -23.52 -1.98
CA VAL A 373 3.27 -23.94 -3.13
C VAL A 373 1.82 -24.19 -2.75
N LEU A 374 0.85 -23.48 -3.47
CA LEU A 374 -0.56 -23.55 -3.19
C LEU A 374 -1.31 -24.31 -4.28
N PRO A 375 -2.25 -25.18 -3.87
CA PRO A 375 -3.06 -25.88 -4.87
C PRO A 375 -3.97 -24.89 -5.57
N SER A 376 -4.37 -25.23 -6.78
CA SER A 376 -5.20 -24.41 -7.62
C SER A 376 -6.66 -24.56 -7.21
N ASN A 377 -7.45 -23.51 -7.41
CA ASN A 377 -8.89 -23.50 -7.18
C ASN A 377 -9.23 -24.00 -5.79
N ALA A 378 -8.51 -23.49 -4.79
CA ALA A 378 -8.65 -23.95 -3.42
C ALA A 378 -8.85 -22.78 -2.47
N SER A 379 -9.51 -23.06 -1.35
CA SER A 379 -9.63 -22.07 -0.28
C SER A 379 -8.41 -22.18 0.63
N ILE A 380 -7.90 -21.02 1.04
CA ILE A 380 -6.68 -20.92 1.82
C ILE A 380 -6.94 -20.08 3.06
N GLU A 381 -6.44 -20.53 4.22
CA GLU A 381 -6.50 -19.73 5.44
C GLU A 381 -5.10 -19.50 6.01
N ILE A 382 -4.78 -18.23 6.26
CA ILE A 382 -3.48 -17.87 6.84
C ILE A 382 -3.70 -17.07 8.11
N SER A 383 -3.02 -17.49 9.18
CA SER A 383 -3.08 -16.83 10.48
C SER A 383 -1.70 -16.23 10.78
N PHE A 384 -1.70 -15.06 11.41
CA PHE A 384 -0.50 -14.27 11.67
C PHE A 384 -0.44 -13.95 13.16
N PRO A 385 -0.28 -14.99 14.02
CA PRO A 385 -0.38 -14.72 15.46
C PRO A 385 0.65 -13.69 15.94
N ALA A 386 0.17 -12.65 16.61
CA ALA A 386 1.03 -11.58 17.08
C ALA A 386 1.89 -12.13 18.19
N THR A 387 3.17 -11.78 18.17
CA THR A 387 4.14 -12.28 19.15
C THR A 387 5.12 -11.16 19.49
N ALA A 388 5.54 -11.09 20.75
CA ALA A 388 6.60 -10.13 21.13
C ALA A 388 7.98 -10.54 20.57
N ALA A 389 8.05 -11.76 20.04
CA ALA A 389 9.25 -12.25 19.36
C ALA A 389 9.57 -11.42 18.13
N ALA A 390 8.57 -10.78 17.56
CA ALA A 390 8.74 -9.89 16.41
C ALA A 390 8.32 -8.46 16.74
N PRO A 391 9.25 -7.64 17.29
CA PRO A 391 9.00 -6.22 17.58
C PRO A 391 8.51 -5.43 16.35
N GLY A 392 7.81 -4.33 16.61
CA GLY A 392 7.36 -3.44 15.54
C GLY A 392 5.86 -3.51 15.24
N ALA A 393 5.09 -4.09 16.16
CA ALA A 393 3.63 -4.19 16.01
C ALA A 393 2.96 -2.82 16.11
N PRO A 394 1.77 -2.66 15.50
CA PRO A 394 1.11 -3.68 14.69
C PRO A 394 1.63 -3.75 13.25
N HIS A 395 2.03 -4.95 12.83
CA HIS A 395 2.56 -5.22 11.50
C HIS A 395 1.43 -5.33 10.45
N PRO A 396 1.41 -4.41 9.46
CA PRO A 396 0.43 -4.53 8.38
C PRO A 396 0.90 -5.50 7.30
N PHE A 397 0.27 -6.66 7.20
CA PHE A 397 0.68 -7.64 6.18
C PHE A 397 -0.10 -7.44 4.89
N HIS A 398 0.57 -7.66 3.76
CA HIS A 398 -0.01 -7.47 2.42
C HIS A 398 0.16 -8.74 1.59
N LEU A 399 -0.92 -9.17 0.96
CA LEU A 399 -0.85 -10.30 0.02
C LEU A 399 -1.05 -9.78 -1.40
N HIS A 400 -0.09 -10.08 -2.27
CA HIS A 400 -0.18 -9.70 -3.67
C HIS A 400 -1.15 -10.60 -4.43
N GLY A 401 -1.60 -10.15 -5.60
CA GLY A 401 -2.45 -10.96 -6.47
C GLY A 401 -3.87 -11.29 -5.99
N HIS A 402 -4.24 -10.84 -4.79
CA HIS A 402 -5.52 -11.23 -4.22
C HIS A 402 -6.14 -10.21 -3.27
N THR A 403 -7.46 -10.26 -3.14
CA THR A 403 -8.12 -9.67 -1.96
CA THR A 403 -8.14 -9.66 -2.01
C THR A 403 -8.53 -10.82 -1.06
N PHE A 404 -8.54 -10.57 0.24
CA PHE A 404 -8.85 -11.65 1.18
C PHE A 404 -9.91 -11.19 2.16
N ALA A 405 -10.67 -12.15 2.68
CA ALA A 405 -11.60 -11.91 3.78
C ALA A 405 -10.80 -11.79 5.06
N VAL A 406 -11.07 -10.75 5.85
CA VAL A 406 -10.50 -10.67 7.19
C VAL A 406 -11.47 -11.36 8.16
N VAL A 407 -11.26 -12.67 8.33
CA VAL A 407 -12.15 -13.46 9.18
C VAL A 407 -12.00 -13.10 10.66
N ARG A 408 -10.78 -12.77 11.09
CA ARG A 408 -10.56 -12.23 12.43
C ARG A 408 -9.63 -11.01 12.38
N SER A 409 -10.10 -9.87 12.90
CA SER A 409 -9.34 -8.63 12.88
C SER A 409 -8.57 -8.44 14.17
N ALA A 410 -7.60 -7.52 14.15
CA ALA A 410 -6.88 -7.09 15.35
C ALA A 410 -7.85 -6.52 16.38
N GLY A 411 -7.65 -6.85 17.64
CA GLY A 411 -8.49 -6.31 18.72
C GLY A 411 -9.79 -7.07 18.88
N SER A 412 -9.96 -8.13 18.10
CA SER A 412 -11.16 -8.95 18.12
C SER A 412 -10.83 -10.42 18.35
N THR A 413 -11.72 -11.11 19.07
CA THR A 413 -11.63 -12.57 19.23
C THR A 413 -12.69 -13.29 18.36
N VAL A 414 -13.48 -12.51 17.63
CA VAL A 414 -14.53 -13.05 16.74
C VAL A 414 -13.95 -13.61 15.43
N TYR A 415 -14.47 -14.75 15.02
CA TYR A 415 -14.24 -15.24 13.67
C TYR A 415 -15.52 -15.00 12.88
N ASN A 416 -15.44 -14.14 11.86
CA ASN A 416 -16.60 -13.77 11.07
C ASN A 416 -16.54 -14.49 9.74
N TYR A 417 -17.33 -15.54 9.63
CA TYR A 417 -17.38 -16.34 8.41
C TYR A 417 -18.54 -15.95 7.51
N SER A 418 -19.37 -15.01 7.96
CA SER A 418 -20.53 -14.59 7.19
C SER A 418 -20.20 -13.43 6.27
N ASN A 419 -19.99 -12.25 6.85
CA ASN A 419 -19.87 -11.02 6.08
C ASN A 419 -18.67 -10.11 6.43
N PRO A 420 -17.47 -10.70 6.62
CA PRO A 420 -16.35 -9.84 7.00
C PRO A 420 -15.94 -8.99 5.80
N ILE A 421 -15.26 -7.88 6.07
CA ILE A 421 -14.68 -7.09 4.99
C ILE A 421 -13.61 -7.91 4.23
N PHE A 422 -13.44 -7.62 2.94
CA PHE A 422 -12.34 -8.12 2.14
C PHE A 422 -11.39 -6.93 1.91
N ARG A 423 -10.08 -7.17 1.91
CA ARG A 423 -9.13 -6.09 1.63
C ARG A 423 -7.82 -6.69 1.17
N ASP A 424 -6.76 -5.88 1.02
CA ASP A 424 -5.44 -6.43 0.64
C ASP A 424 -4.30 -6.16 1.63
N VAL A 425 -4.49 -5.26 2.59
CA VAL A 425 -3.51 -4.99 3.64
C VAL A 425 -4.22 -5.02 5.00
N VAL A 426 -3.72 -5.83 5.93
CA VAL A 426 -4.39 -6.01 7.22
C VAL A 426 -3.42 -5.82 8.40
N SER A 427 -3.80 -5.02 9.38
CA SER A 427 -3.04 -4.96 10.63
C SER A 427 -3.11 -6.32 11.35
N THR A 428 -1.94 -6.83 11.74
CA THR A 428 -1.91 -8.10 12.48
C THR A 428 -1.97 -7.89 14.02
N GLY A 429 -2.23 -6.64 14.42
CA GLY A 429 -2.49 -6.32 15.84
C GLY A 429 -1.28 -6.41 16.75
N THR A 430 -1.53 -6.74 18.02
CA THR A 430 -0.48 -6.69 19.03
C THR A 430 -0.45 -7.99 19.86
N PRO A 431 0.73 -8.40 20.34
CA PRO A 431 0.76 -9.54 21.26
C PRO A 431 0.07 -9.28 22.61
N ALA A 432 0.02 -8.02 23.06
CA ALA A 432 -0.63 -7.69 24.34
C ALA A 432 -2.07 -8.19 24.39
N ALA A 433 -2.74 -8.09 23.23
CA ALA A 433 -4.13 -8.49 23.06
C ALA A 433 -4.29 -9.96 22.71
N GLY A 434 -3.17 -10.66 22.56
CA GLY A 434 -3.16 -12.03 22.06
C GLY A 434 -3.81 -12.13 20.69
N ASP A 435 -3.54 -11.14 19.82
CA ASP A 435 -4.18 -11.12 18.50
C ASP A 435 -3.74 -12.30 17.66
N ASN A 436 -4.64 -12.78 16.82
CA ASN A 436 -4.38 -13.84 15.88
C ASN A 436 -5.14 -13.55 14.59
N VAL A 437 -4.68 -12.51 13.91
CA VAL A 437 -5.34 -12.03 12.71
C VAL A 437 -5.28 -13.15 11.67
N THR A 438 -6.44 -13.43 11.08
CA THR A 438 -6.58 -14.55 10.18
C THR A 438 -7.31 -14.12 8.92
N ILE A 439 -6.81 -14.60 7.79
CA ILE A 439 -7.33 -14.22 6.50
C ILE A 439 -7.69 -15.45 5.67
N ARG A 440 -8.54 -15.26 4.65
CA ARG A 440 -8.93 -16.34 3.73
C ARG A 440 -9.02 -15.81 2.31
N PHE A 441 -8.53 -16.61 1.36
CA PHE A 441 -8.65 -16.29 -0.06
C PHE A 441 -8.73 -17.56 -0.88
N LEU A 442 -9.15 -17.41 -2.13
CA LEU A 442 -9.24 -18.52 -3.10
C LEU A 442 -8.08 -18.40 -4.07
N THR A 443 -7.50 -19.54 -4.44
CA THR A 443 -6.40 -19.59 -5.39
C THR A 443 -6.90 -19.59 -6.84
N ASN A 444 -7.25 -18.41 -7.31
CA ASN A 444 -7.81 -18.24 -8.64
C ASN A 444 -6.85 -17.57 -9.62
N ASN A 445 -5.56 -17.56 -9.29
CA ASN A 445 -4.63 -16.69 -9.98
C ASN A 445 -3.22 -17.26 -10.02
N PRO A 446 -2.90 -18.01 -11.07
CA PRO A 446 -1.59 -18.65 -11.15
C PRO A 446 -0.42 -17.66 -11.21
N GLY A 447 0.55 -17.89 -10.34
CA GLY A 447 1.78 -17.09 -10.29
C GLY A 447 2.37 -17.08 -8.90
N PRO A 448 3.65 -16.63 -8.78
CA PRO A 448 4.19 -16.36 -7.46
C PRO A 448 3.79 -14.97 -6.99
N TRP A 449 3.28 -14.92 -5.75
CA TRP A 449 2.75 -13.70 -5.20
C TRP A 449 3.41 -13.45 -3.85
N PHE A 450 3.92 -12.24 -3.67
CA PHE A 450 4.59 -11.86 -2.43
C PHE A 450 3.58 -11.72 -1.27
N LEU A 451 3.99 -12.17 -0.10
CA LEU A 451 3.21 -11.99 1.11
C LEU A 451 4.20 -11.50 2.17
N HIS A 452 3.98 -10.28 2.63
CA HIS A 452 4.98 -9.62 3.47
C HIS A 452 4.42 -8.50 4.35
N CYS A 453 5.20 -8.15 5.36
CA CYS A 453 4.92 -6.96 6.14
C CYS A 453 5.21 -5.75 5.26
N HIS A 454 4.30 -4.78 5.29
CA HIS A 454 4.42 -3.63 4.39
C HIS A 454 5.11 -2.45 5.06
N ILE A 455 5.63 -2.65 6.28
CA ILE A 455 6.59 -1.71 6.84
C ILE A 455 7.90 -2.00 6.08
N ASP A 456 8.30 -1.07 5.21
CA ASP A 456 9.28 -1.40 4.18
C ASP A 456 10.64 -1.77 4.77
N PHE A 457 10.95 -1.20 5.94
CA PHE A 457 12.20 -1.51 6.65
C PHE A 457 12.21 -2.97 7.16
N HIS A 458 11.02 -3.47 7.52
CA HIS A 458 10.86 -4.87 7.96
C HIS A 458 10.93 -5.83 6.78
N LEU A 459 10.27 -5.48 5.68
CA LEU A 459 10.42 -6.24 4.42
C LEU A 459 11.91 -6.41 4.12
N GLU A 460 12.64 -5.29 4.21
CA GLU A 460 14.07 -5.25 3.90
C GLU A 460 14.87 -6.21 4.80
N GLY A 461 14.46 -6.33 6.06
CA GLY A 461 15.02 -7.32 6.99
C GLY A 461 14.54 -8.77 6.81
N GLY A 462 13.75 -9.01 5.75
CA GLY A 462 13.35 -10.37 5.36
C GLY A 462 11.97 -10.84 5.79
N PHE A 463 11.10 -9.90 6.17
CA PHE A 463 9.79 -10.25 6.72
C PHE A 463 8.80 -10.54 5.60
N ALA A 464 9.05 -11.63 4.87
CA ALA A 464 8.31 -11.95 3.65
C ALA A 464 8.39 -13.44 3.31
N VAL A 465 7.37 -13.92 2.61
CA VAL A 465 7.39 -15.27 2.00
C VAL A 465 6.77 -15.16 0.62
N VAL A 466 6.93 -16.20 -0.19
CA VAL A 466 6.29 -16.25 -1.50
C VAL A 466 5.18 -17.30 -1.51
N GLN A 467 4.00 -16.89 -1.97
CA GLN A 467 2.94 -17.84 -2.27
C GLN A 467 2.97 -18.18 -3.76
N ALA A 468 3.46 -19.39 -4.08
CA ALA A 468 3.53 -19.87 -5.46
C ALA A 468 2.28 -20.69 -5.80
N GLU A 469 1.39 -20.04 -6.54
CA GLU A 469 0.05 -20.51 -6.81
C GLU A 469 -0.08 -21.17 -8.18
N ASP A 470 -0.54 -22.42 -8.19
CA ASP A 470 -0.80 -23.15 -9.44
C ASP A 470 0.41 -23.17 -10.39
N VAL A 471 1.55 -23.61 -9.85
CA VAL A 471 2.81 -23.55 -10.58
C VAL A 471 2.82 -24.24 -11.95
N PRO A 472 2.12 -25.40 -12.09
CA PRO A 472 2.13 -26.03 -13.42
C PRO A 472 1.48 -25.21 -14.54
N ASP A 473 0.64 -24.24 -14.19
CA ASP A 473 -0.10 -23.42 -15.17
C ASP A 473 0.51 -22.00 -15.37
N VAL A 474 1.46 -21.65 -14.51
CA VAL A 474 2.02 -20.29 -14.49
C VAL A 474 2.56 -19.84 -15.86
N LYS A 475 3.35 -20.69 -16.50
CA LYS A 475 3.94 -20.34 -17.80
C LYS A 475 2.89 -20.07 -18.87
N ALA A 476 1.90 -20.96 -18.99
CA ALA A 476 0.87 -20.83 -20.02
C ALA A 476 0.00 -19.60 -19.78
N THR A 477 -0.30 -19.35 -18.50
CA THR A 477 -1.22 -18.29 -18.09
C THR A 477 -0.61 -16.89 -18.19
N ASN A 478 0.69 -16.78 -17.94
CA ASN A 478 1.34 -15.48 -17.96
C ASN A 478 2.42 -15.39 -19.02
N PRO A 479 2.04 -15.37 -20.29
CA PRO A 479 3.06 -15.29 -21.34
C PRO A 479 3.84 -13.99 -21.15
N VAL A 480 5.17 -14.04 -21.26
CA VAL A 480 6.02 -12.87 -20.96
C VAL A 480 6.53 -12.14 -22.21
N PRO A 481 6.57 -10.79 -22.17
CA PRO A 481 7.08 -10.05 -23.33
C PRO A 481 8.60 -10.10 -23.39
N GLN A 482 9.16 -9.99 -24.59
CA GLN A 482 10.61 -9.90 -24.80
C GLN A 482 11.32 -8.93 -23.83
N ALA A 483 10.71 -7.77 -23.60
CA ALA A 483 11.35 -6.77 -22.72
C ALA A 483 11.55 -7.33 -21.31
N TRP A 484 10.57 -8.11 -20.82
CA TRP A 484 10.70 -8.76 -19.52
C TRP A 484 11.83 -9.78 -19.50
N SER A 485 11.84 -10.67 -20.50
CA SER A 485 12.94 -11.61 -20.70
C SER A 485 14.32 -10.96 -20.72
N ASP A 486 14.39 -9.72 -21.17
CA ASP A 486 15.63 -8.96 -21.29
C ASP A 486 16.08 -8.27 -20.00
N LEU A 487 15.22 -8.25 -18.99
CA LEU A 487 15.51 -7.50 -17.76
C LEU A 487 16.65 -8.12 -16.96
N CYS A 488 16.62 -9.43 -16.76
CA CYS A 488 17.67 -10.08 -15.96
C CYS A 488 19.06 -10.02 -16.59
N PRO A 489 19.20 -10.43 -17.87
CA PRO A 489 20.55 -10.27 -18.44
C PRO A 489 21.09 -8.84 -18.29
N THR A 490 20.23 -7.84 -18.56
CA THR A 490 20.64 -6.44 -18.48
C THR A 490 21.05 -6.08 -17.06
N TYR A 491 20.20 -6.42 -16.09
CA TYR A 491 20.49 -6.14 -14.70
C TYR A 491 21.76 -6.83 -14.21
N ASP A 492 21.91 -8.11 -14.54
CA ASP A 492 23.10 -8.88 -14.14
C ASP A 492 24.40 -8.43 -14.81
N ALA A 493 24.29 -7.70 -15.93
CA ALA A 493 25.46 -7.13 -16.63
C ALA A 493 25.93 -5.79 -16.07
N ASN A 494 25.16 -5.21 -15.14
CA ASN A 494 25.53 -3.97 -14.50
C ASN A 494 26.75 -4.08 -13.59
N ALA A 495 27.60 -3.06 -13.61
CA ALA A 495 28.55 -2.84 -12.52
C ALA A 495 27.71 -2.70 -11.26
N PRO A 496 28.09 -3.40 -10.16
CA PRO A 496 27.35 -3.31 -8.89
C PRO A 496 27.12 -1.87 -8.38
N SER A 497 28.01 -0.93 -8.72
CA SER A 497 27.84 0.48 -8.36
C SER A 497 26.83 1.23 -9.23
N ASP A 498 26.31 0.56 -10.26
CA ASP A 498 25.25 1.11 -11.10
C ASP A 498 23.90 0.45 -10.77
N GLN A 499 23.87 -0.38 -9.74
CA GLN A 499 22.63 -1.03 -9.32
C GLN A 499 21.74 -0.06 -8.52
C1 NAG B . -20.54 13.84 13.79
C2 NAG B . -21.47 15.03 14.04
C3 NAG B . -21.70 15.28 15.52
C4 NAG B . -21.96 13.96 16.24
C5 NAG B . -20.94 12.88 15.90
C6 NAG B . -21.24 11.59 16.67
C7 NAG B . -21.43 16.69 12.30
C8 NAG B . -20.91 18.01 11.83
N2 NAG B . -20.91 16.21 13.42
O3 NAG B . -22.83 16.14 15.70
O4 NAG B . -21.85 14.22 17.61
O5 NAG B . -20.91 12.67 14.50
O6 NAG B . -22.53 11.10 16.34
O7 NAG B . -22.30 16.09 11.64
C1 NAG B . -23.60 14.37 18.42
C2 NAG B . -23.25 14.16 19.88
C3 NAG B . -24.46 14.63 20.68
C4 NAG B . -24.94 16.01 20.23
C5 NAG B . -24.96 16.20 18.69
C6 NAG B . -25.26 17.63 18.22
C7 NAG B . -21.82 12.27 20.55
C8 NAG B . -21.82 10.82 20.97
N2 NAG B . -22.98 12.75 20.11
O3 NAG B . -24.12 14.63 22.05
O4 NAG B . -26.26 16.12 20.71
O5 NAG B . -23.74 15.75 18.14
O6 NAG B . -24.12 18.46 18.33
O7 NAG B . -20.79 12.95 20.63
C1 NAG C . 22.72 10.41 -3.30
C2 NAG C . 23.31 11.82 -3.25
C3 NAG C . 23.78 12.05 -1.84
C4 NAG C . 22.64 11.75 -0.87
C5 NAG C . 21.90 10.43 -1.17
C6 NAG C . 20.72 10.23 -0.24
C7 NAG C . 24.30 13.07 -5.10
C8 NAG C . 25.42 13.17 -6.10
N2 NAG C . 24.35 12.03 -4.26
O3 NAG C . 24.11 13.42 -1.75
O4 NAG C . 23.13 11.60 0.43
O5 NAG C . 21.54 10.36 -2.52
O6 NAG C . 19.66 11.11 -0.53
O7 NAG C . 23.42 13.93 -5.09
C1 NAG C . 23.33 12.83 1.09
C2 NAG C . 22.50 12.89 2.38
C3 NAG C . 22.87 14.15 3.15
C4 NAG C . 24.40 14.30 3.24
C5 NAG C . 25.13 14.07 1.93
C6 NAG C . 26.63 13.95 2.19
C7 NAG C . 20.16 12.15 2.67
C8 NAG C . 18.75 12.45 2.23
N2 NAG C . 21.09 12.88 2.03
O3 NAG C . 22.32 14.13 4.46
O4 NAG C . 24.74 15.63 3.50
O5 NAG C . 24.71 12.86 1.34
O6 NAG C . 27.24 14.12 0.95
O7 NAG C . 20.39 11.31 3.53
C1 BMA C . 24.65 16.09 5.11
C2 BMA C . 25.82 16.98 5.47
C3 BMA C . 25.36 17.73 6.72
C4 BMA C . 24.02 18.44 6.50
C5 BMA C . 23.00 17.42 6.00
C6 BMA C . 21.64 18.05 5.82
O2 BMA C . 26.02 17.85 4.38
O3 BMA C . 26.34 18.68 7.04
O4 BMA C . 23.53 19.05 7.67
O5 BMA C . 23.51 16.88 4.80
O6 BMA C . 21.74 19.06 4.82
C1 MAN D . 20.26 20.10 4.70
C2 MAN D . 20.10 20.44 3.23
C3 MAN D . 21.24 21.38 2.84
C4 MAN D . 21.46 22.57 3.78
C5 MAN D . 21.59 22.06 5.22
C6 MAN D . 21.65 23.17 6.27
O2 MAN D . 18.84 21.02 3.02
O3 MAN D . 20.93 21.88 1.57
O4 MAN D . 22.61 23.24 3.33
O5 MAN D . 20.47 21.24 5.51
O6 MAN D . 20.39 23.81 6.38
C1 MAN D . 22.06 21.36 0.33
C2 MAN D . 21.84 22.25 -0.89
C3 MAN D . 20.52 21.94 -1.59
C4 MAN D . 20.38 20.45 -1.86
C5 MAN D . 20.56 19.66 -0.57
C6 MAN D . 20.62 18.18 -0.92
O2 MAN D . 22.94 22.04 -1.71
O3 MAN D . 20.41 22.64 -2.82
O4 MAN D . 19.09 20.22 -2.39
O5 MAN D . 21.77 19.99 0.08
O6 MAN D . 21.01 17.47 0.25
C1 MAN E . -26.10 18.71 21.41
C2 MAN E . -27.58 18.85 21.68
C3 MAN E . -27.77 19.96 22.72
C4 MAN E . -26.85 19.76 23.93
C5 MAN E . -25.41 19.41 23.51
C6 MAN E . -24.48 19.08 24.68
O2 MAN E . -28.14 17.62 22.13
O3 MAN E . -29.13 20.05 23.07
O4 MAN E . -26.83 20.96 24.67
O5 MAN E . -25.42 18.34 22.59
O6 MAN E . -24.70 17.77 25.17
C1 MAN F . 27.71 17.36 9.64
C2 MAN F . 27.20 18.76 9.98
C3 MAN F . 27.77 19.83 9.02
C4 MAN F . 29.18 19.43 8.57
C5 MAN F . 29.18 18.06 7.87
C6 MAN F . 30.50 17.32 8.10
O2 MAN F . 27.47 19.07 11.33
O3 MAN F . 27.81 21.12 9.60
O4 MAN F . 29.68 20.44 7.71
O5 MAN F . 28.08 17.25 8.27
O6 MAN F . 30.86 16.70 6.90
CU CU G . 4.66 -6.10 -1.81
CU CU H . 2.29 -1.97 -1.71
CU CU I . 0.69 -5.24 -3.47
CU CU J . 6.50 -5.35 10.12
C1 NAG K . 20.48 -11.98 12.03
C2 NAG K . 21.92 -11.63 12.40
C3 NAG K . 22.70 -11.47 11.10
C4 NAG K . 22.47 -12.66 10.16
C5 NAG K . 20.98 -13.00 10.01
C6 NAG K . 20.80 -14.28 9.19
C7 NAG K . 21.97 -10.28 14.52
C8 NAG K . 21.74 -8.91 15.08
N2 NAG K . 21.94 -10.39 13.19
O3 NAG K . 24.07 -11.33 11.38
O4 NAG K . 23.00 -12.38 8.90
O5 NAG K . 20.39 -13.16 11.28
O6 NAG K . 19.43 -14.50 8.94
O7 NAG K . 22.20 -11.21 15.31
C1 NAG L . -3.07 -18.95 15.45
C2 NAG L . -2.95 -19.66 16.80
C3 NAG L . -2.45 -21.06 16.48
C4 NAG L . -3.42 -21.74 15.50
C5 NAG L . -3.74 -20.83 14.29
C6 NAG L . -4.81 -21.43 13.35
C7 NAG L . -2.46 -18.26 18.76
C8 NAG L . -1.37 -17.58 19.55
N2 NAG L . -2.04 -18.95 17.69
O3 NAG L . -2.34 -21.80 17.69
O4 NAG L . -2.78 -22.91 15.06
O5 NAG L . -4.13 -19.53 14.71
O6 NAG L . -6.08 -21.38 13.95
O7 NAG L . -3.64 -18.18 19.12
C1 NAG M . -4.40 -24.95 14.59
C2 NAG M . -3.19 -25.46 13.83
C3 NAG M . -3.11 -26.98 14.00
C4 NAG M . -3.25 -27.41 15.47
C5 NAG M . -4.28 -26.58 16.25
C6 NAG M . -4.18 -26.77 17.76
C7 NAG M . -2.23 -24.47 11.78
C8 NAG M . -2.54 -23.94 10.41
N2 NAG M . -3.25 -25.02 12.45
O3 NAG M . -1.88 -27.44 13.47
O4 NAG M . -3.61 -28.77 15.53
O5 NAG M . -4.17 -25.19 15.96
O6 NAG M . -3.13 -25.97 18.27
O7 NAG M . -1.09 -24.37 12.22
#